data_8IYB
#
_entry.id   8IYB
#
_cell.length_a   37.348
_cell.length_b   65.494
_cell.length_c   95.293
_cell.angle_alpha   90.000
_cell.angle_beta   96.715
_cell.angle_gamma   90.000
#
_symmetry.space_group_name_H-M   'P 1 21 1'
#
loop_
_entity.id
_entity.type
_entity.pdbx_description
1 polymer 'Feruloyl esterase'
2 non-polymer 2-acetamido-2-deoxy-beta-D-glucopyranose
3 non-polymer '3-(4-HYDROXY-3-METHOXYPHENYL)-2-PROPENOIC ACID'
4 non-polymer 'ACETATE ION'
5 non-polymer 1,2-ETHANEDIOL
6 water water
#
_entity_poly.entity_id   1
_entity_poly.type   'polypeptide(L)'
_entity_poly.pdbx_seq_one_letter_code
;HHHHHHATLSQVLDFGNNPGDNEMWIYVPDQLAANPAVIVALHGCLGSAEGYYSEVQDLPPAADENGFILVYPGSNDDFH
CWDVATAESLTHDGGSDSRSIVNMVQYTLDKYSGDSSKVFTTGSSSGAMMSLVLAAAYPDVFSGVAAYSGVPYGCLRGSP
GSSPFTADQACANGEVSRTAQEWKDEVKMAWPGYNGTYPKVQVWHGTADSVISPNNFDEEVKQWSAVFGVNVTKEEQDSP
LDGYTRSIFGDGSHFEAYLAEGVGHVVPTQVDSTLRWFGLI
;
_entity_poly.pdbx_strand_id   A,B
#
loop_
_chem_comp.id
_chem_comp.type
_chem_comp.name
_chem_comp.formula
ACT non-polymer 'ACETATE ION' 'C2 H3 O2 -1'
EDO non-polymer 1,2-ETHANEDIOL 'C2 H6 O2'
FER non-polymer '3-(4-HYDROXY-3-METHOXYPHENYL)-2-PROPENOIC ACID' 'C10 H10 O4'
NAG D-saccharide, beta linking 2-acetamido-2-deoxy-beta-D-glucopyranose 'C8 H15 N O6'
#
# COMPACT_ATOMS: atom_id res chain seq x y z
N ALA A 7 21.61 -18.38 -9.66
CA ALA A 7 20.22 -18.48 -9.26
C ALA A 7 19.33 -18.55 -10.50
N THR A 8 18.02 -18.63 -10.31
CA THR A 8 17.06 -18.68 -11.41
C THR A 8 15.91 -17.72 -11.14
N LEU A 9 15.25 -17.32 -12.23
CA LEU A 9 14.08 -16.44 -12.13
C LEU A 9 12.85 -17.26 -11.74
N SER A 10 12.09 -16.76 -10.77
CA SER A 10 10.88 -17.45 -10.33
C SER A 10 9.74 -16.47 -10.14
N GLN A 11 8.51 -17.00 -10.17
CA GLN A 11 7.31 -16.17 -10.17
C GLN A 11 6.73 -16.04 -8.76
N VAL A 12 6.24 -14.85 -8.46
CA VAL A 12 5.51 -14.57 -7.23
C VAL A 12 4.03 -14.52 -7.55
N LEU A 13 3.26 -15.45 -7.00
CA LEU A 13 1.85 -15.55 -7.37
C LEU A 13 0.98 -14.55 -6.65
N ASP A 14 1.33 -14.19 -5.42
CA ASP A 14 0.55 -13.24 -4.62
C ASP A 14 1.48 -12.25 -3.98
N PHE A 15 1.49 -11.02 -4.49
CA PHE A 15 2.27 -9.94 -3.91
C PHE A 15 1.41 -8.85 -3.30
N GLY A 16 0.10 -9.07 -3.19
CA GLY A 16 -0.84 -8.09 -2.70
C GLY A 16 -1.73 -7.55 -3.80
N ASN A 17 -2.31 -6.38 -3.52
CA ASN A 17 -3.24 -5.78 -4.47
C ASN A 17 -2.57 -5.57 -5.82
N ASN A 18 -3.30 -5.89 -6.90
CA ASN A 18 -2.72 -5.96 -8.24
C ASN A 18 -3.66 -5.28 -9.23
N PRO A 19 -3.83 -3.95 -9.11
CA PRO A 19 -4.79 -3.26 -9.99
C PRO A 19 -4.43 -3.31 -11.47
N GLY A 20 -3.15 -3.46 -11.80
CA GLY A 20 -2.75 -3.60 -13.18
C GLY A 20 -2.85 -4.99 -13.74
N ASP A 21 -3.22 -5.96 -12.91
CA ASP A 21 -3.30 -7.37 -13.32
CA ASP A 21 -3.30 -7.37 -13.34
C ASP A 21 -1.97 -7.85 -13.93
N ASN A 22 -0.87 -7.50 -13.28
CA ASN A 22 0.45 -7.82 -13.78
C ASN A 22 0.99 -9.11 -13.17
N GLU A 23 2.00 -9.67 -13.83
CA GLU A 23 2.78 -10.75 -13.24
C GLU A 23 3.99 -10.16 -12.53
N MET A 24 4.50 -10.92 -11.56
CA MET A 24 5.71 -10.54 -10.84
C MET A 24 6.68 -11.71 -10.89
N TRP A 25 7.88 -11.47 -11.42
CA TRP A 25 8.96 -12.43 -11.39
C TRP A 25 10.14 -11.81 -10.65
N ILE A 26 10.93 -12.65 -9.98
CA ILE A 26 11.99 -12.17 -9.10
C ILE A 26 13.25 -13.00 -9.32
N TYR A 27 14.40 -12.33 -9.29
CA TYR A 27 15.70 -12.99 -9.30
C TYR A 27 16.41 -12.59 -8.02
N VAL A 28 16.61 -13.55 -7.13
CA VAL A 28 17.31 -13.35 -5.86
C VAL A 28 18.64 -14.09 -5.94
N PRO A 29 19.77 -13.40 -5.87
CA PRO A 29 21.06 -14.08 -5.96
C PRO A 29 21.29 -14.98 -4.76
N ASP A 30 22.18 -15.96 -4.95
CA ASP A 30 22.52 -16.88 -3.87
C ASP A 30 23.18 -16.14 -2.71
N GLN A 31 24.01 -15.15 -3.01
CA GLN A 31 24.75 -14.39 -2.02
C GLN A 31 24.12 -13.00 -1.98
N LEU A 32 23.27 -12.79 -0.99
CA LEU A 32 22.46 -11.60 -0.89
C LEU A 32 23.08 -10.64 0.13
N ALA A 33 22.93 -9.34 -0.12
N ALA A 33 23.04 -9.36 -0.19
CA ALA A 33 23.24 -8.38 0.92
CA ALA A 33 23.75 -8.35 0.59
C ALA A 33 22.31 -8.57 2.11
C ALA A 33 22.99 -8.04 1.87
N ALA A 34 22.75 -8.11 3.29
N ALA A 34 23.71 -7.47 2.84
CA ALA A 34 21.92 -8.24 4.49
CA ALA A 34 23.07 -6.96 4.05
C ALA A 34 20.66 -7.39 4.40
C ALA A 34 22.06 -5.88 3.68
N ASN A 35 20.78 -6.18 3.85
CA ASN A 35 19.66 -5.29 3.55
C ASN A 35 19.73 -4.94 2.08
N PRO A 36 19.26 -5.83 1.21
CA PRO A 36 19.55 -5.69 -0.22
C PRO A 36 18.77 -4.56 -0.87
N ALA A 37 19.42 -3.95 -1.86
CA ALA A 37 18.74 -3.07 -2.79
C ALA A 37 17.82 -3.88 -3.71
N VAL A 38 16.88 -3.18 -4.35
CA VAL A 38 15.92 -3.79 -5.27
C VAL A 38 15.94 -3.00 -6.57
N ILE A 39 16.11 -3.68 -7.69
CA ILE A 39 16.04 -3.04 -9.01
C ILE A 39 14.89 -3.64 -9.78
N VAL A 40 13.95 -2.79 -10.16
CA VAL A 40 12.83 -3.18 -11.00
C VAL A 40 13.28 -3.04 -12.45
N ALA A 41 13.16 -4.11 -13.23
CA ALA A 41 13.59 -4.14 -14.62
C ALA A 41 12.38 -4.40 -15.51
N LEU A 42 12.07 -3.44 -16.38
CA LEU A 42 10.79 -3.36 -17.09
C LEU A 42 10.95 -3.64 -18.57
N HIS A 43 10.27 -4.68 -19.05
CA HIS A 43 10.30 -5.08 -20.45
C HIS A 43 9.59 -4.06 -21.34
N GLY A 44 9.87 -4.18 -22.64
CA GLY A 44 9.22 -3.33 -23.63
C GLY A 44 7.97 -3.96 -24.19
N CYS A 45 7.33 -3.21 -25.10
CA CYS A 45 6.11 -3.68 -25.74
C CYS A 45 6.37 -5.01 -26.44
N LEU A 46 5.35 -5.86 -26.44
CA LEU A 46 5.38 -7.18 -27.06
C LEU A 46 6.35 -8.12 -26.35
N GLY A 47 6.88 -7.73 -25.20
CA GLY A 47 7.81 -8.54 -24.45
C GLY A 47 7.18 -9.15 -23.21
N SER A 48 8.04 -9.55 -22.27
CA SER A 48 7.58 -10.21 -21.07
C SER A 48 8.67 -10.15 -20.02
N ALA A 49 8.30 -10.50 -18.79
CA ALA A 49 9.28 -10.51 -17.70
C ALA A 49 10.39 -11.51 -17.98
N GLU A 50 10.03 -12.74 -18.37
CA GLU A 50 11.04 -13.74 -18.70
C GLU A 50 11.87 -13.31 -19.90
N GLY A 51 11.23 -12.70 -20.90
CA GLY A 51 11.98 -12.20 -22.04
C GLY A 51 13.02 -11.15 -21.67
N TYR A 52 12.66 -10.22 -20.78
CA TYR A 52 13.60 -9.16 -20.42
C TYR A 52 14.74 -9.71 -19.57
N TYR A 53 14.42 -10.67 -18.69
CA TYR A 53 15.44 -11.38 -17.95
C TYR A 53 16.50 -11.96 -18.88
N SER A 54 16.06 -12.51 -20.02
CA SER A 54 17.00 -13.05 -21.00
CA SER A 54 17.00 -13.05 -21.00
C SER A 54 17.64 -11.95 -21.85
N GLU A 55 16.89 -10.90 -22.15
CA GLU A 55 17.39 -9.83 -23.02
C GLU A 55 18.59 -9.11 -22.41
N VAL A 56 18.48 -8.68 -21.16
CA VAL A 56 19.54 -7.89 -20.52
C VAL A 56 20.39 -8.87 -19.74
N GLN A 57 21.26 -9.58 -20.47
CA GLN A 57 22.01 -10.70 -19.90
C GLN A 57 23.00 -10.26 -18.83
N ASP A 58 23.36 -8.98 -18.77
CA ASP A 58 24.32 -8.49 -17.78
C ASP A 58 23.70 -8.19 -16.43
N LEU A 59 22.37 -8.08 -16.33
CA LEU A 59 21.77 -7.71 -15.05
C LEU A 59 21.84 -8.82 -14.01
N PRO A 60 21.44 -10.05 -14.29
CA PRO A 60 21.48 -11.09 -13.25
C PRO A 60 22.89 -11.33 -12.72
N PRO A 61 23.93 -11.41 -13.57
CA PRO A 61 25.29 -11.53 -13.01
C PRO A 61 25.69 -10.37 -12.13
N ALA A 62 25.21 -9.16 -12.44
CA ALA A 62 25.48 -8.02 -11.58
C ALA A 62 24.78 -8.18 -10.24
N ALA A 63 23.56 -8.73 -10.25
CA ALA A 63 22.91 -9.06 -8.99
C ALA A 63 23.72 -10.08 -8.19
N ASP A 64 24.27 -11.09 -8.88
CA ASP A 64 25.10 -12.08 -8.21
C ASP A 64 26.31 -11.42 -7.56
N GLU A 65 26.95 -10.48 -8.25
CA GLU A 65 28.18 -9.88 -7.78
C GLU A 65 27.96 -8.81 -6.73
N ASN A 66 26.77 -8.22 -6.67
CA ASN A 66 26.53 -7.10 -5.77
C ASN A 66 25.45 -7.36 -4.74
N GLY A 67 24.73 -8.47 -4.81
CA GLY A 67 23.83 -8.83 -3.75
C GLY A 67 22.52 -8.08 -3.71
N PHE A 68 22.10 -7.49 -4.82
CA PHE A 68 20.78 -6.87 -4.91
C PHE A 68 19.79 -7.82 -5.57
N ILE A 69 18.51 -7.51 -5.41
CA ILE A 69 17.40 -8.29 -5.95
C ILE A 69 16.88 -7.62 -7.22
N LEU A 70 16.53 -8.42 -8.22
CA LEU A 70 15.89 -7.94 -9.43
C LEU A 70 14.42 -8.36 -9.44
N VAL A 71 13.54 -7.41 -9.68
CA VAL A 71 12.11 -7.67 -9.85
C VAL A 71 11.78 -7.38 -11.30
N TYR A 72 11.19 -8.35 -11.98
CA TYR A 72 10.74 -8.21 -13.36
C TYR A 72 9.23 -8.24 -13.39
N PRO A 73 8.56 -7.09 -13.40
CA PRO A 73 7.12 -7.07 -13.61
C PRO A 73 6.79 -7.46 -15.04
N GLY A 74 5.59 -8.03 -15.22
CA GLY A 74 5.16 -8.39 -16.56
C GLY A 74 3.77 -7.85 -16.88
N SER A 75 3.62 -7.30 -18.07
CA SER A 75 2.33 -6.81 -18.55
C SER A 75 1.78 -7.77 -19.58
N ASN A 76 0.54 -8.19 -19.39
CA ASN A 76 -0.18 -9.01 -20.37
C ASN A 76 -1.28 -8.23 -21.09
N ASP A 77 -1.35 -6.93 -20.88
CA ASP A 77 -2.39 -6.09 -21.45
C ASP A 77 -1.79 -5.20 -22.52
N ASP A 78 -2.66 -4.73 -23.43
CA ASP A 78 -2.29 -3.71 -24.42
C ASP A 78 -1.03 -4.11 -25.17
N PHE A 79 -1.03 -5.32 -25.73
CA PHE A 79 0.10 -5.84 -26.51
C PHE A 79 1.35 -5.98 -25.67
N HIS A 80 1.17 -6.32 -24.40
CA HIS A 80 2.27 -6.44 -23.43
C HIS A 80 3.04 -5.13 -23.30
N CYS A 81 2.31 -4.03 -23.20
CA CYS A 81 2.91 -2.72 -22.99
C CYS A 81 2.50 -2.18 -21.63
N TRP A 82 3.33 -1.28 -21.10
CA TRP A 82 3.06 -0.63 -19.83
C TRP A 82 2.10 0.53 -20.01
N ASP A 83 1.15 0.65 -19.09
CA ASP A 83 0.14 1.70 -19.15
C ASP A 83 0.79 3.02 -18.75
N VAL A 84 0.98 3.91 -19.72
CA VAL A 84 1.54 5.24 -19.45
C VAL A 84 0.56 6.29 -19.97
N ALA A 85 -0.73 5.94 -20.00
CA ALA A 85 -1.75 6.80 -20.57
C ALA A 85 -2.92 7.13 -19.63
N THR A 86 -3.30 6.21 -18.74
CA THR A 86 -4.49 6.45 -17.92
C THR A 86 -4.14 7.33 -16.73
N ALA A 87 -5.14 8.11 -16.30
CA ALA A 87 -4.99 8.89 -15.08
C ALA A 87 -4.52 8.01 -13.93
N GLU A 88 -5.07 6.79 -13.83
CA GLU A 88 -4.69 5.89 -12.74
C GLU A 88 -3.19 5.60 -12.75
N SER A 89 -2.67 5.11 -13.88
CA SER A 89 -1.27 4.72 -13.91
C SER A 89 -0.33 5.92 -13.81
N LEU A 90 -0.74 7.08 -14.32
CA LEU A 90 0.13 8.26 -14.32
C LEU A 90 0.19 8.97 -12.98
N THR A 91 -0.71 8.67 -12.05
CA THR A 91 -0.86 9.46 -10.83
C THR A 91 -0.45 8.66 -9.60
N HIS A 92 0.20 9.36 -8.67
CA HIS A 92 0.52 8.78 -7.37
C HIS A 92 -0.71 8.18 -6.74
N ASP A 93 -0.61 6.90 -6.35
CA ASP A 93 -1.70 6.15 -5.73
C ASP A 93 -2.92 6.00 -6.63
N GLY A 94 -2.76 6.20 -7.95
CA GLY A 94 -3.90 6.15 -8.85
C GLY A 94 -4.38 4.73 -9.16
N GLY A 95 -3.44 3.82 -9.42
CA GLY A 95 -3.79 2.44 -9.72
C GLY A 95 -3.05 1.89 -10.94
N SER A 96 -3.67 0.93 -11.60
CA SER A 96 -3.14 0.33 -12.84
C SER A 96 -1.72 -0.20 -12.63
N ASP A 97 -0.94 -0.23 -13.71
CA ASP A 97 0.36 -0.89 -13.70
C ASP A 97 1.32 -0.26 -12.69
N SER A 98 1.37 1.07 -12.62
CA SER A 98 2.35 1.69 -11.74
C SER A 98 2.11 1.32 -10.28
N ARG A 99 0.85 1.29 -9.86
CA ARG A 99 0.57 0.90 -8.48
C ARG A 99 0.90 -0.56 -8.24
N SER A 100 0.60 -1.43 -9.21
CA SER A 100 0.98 -2.84 -9.05
C SER A 100 2.48 -2.99 -8.89
N ILE A 101 3.26 -2.24 -9.67
CA ILE A 101 4.72 -2.33 -9.58
C ILE A 101 5.19 -1.87 -8.20
N VAL A 102 4.61 -0.80 -7.69
CA VAL A 102 4.97 -0.33 -6.34
C VAL A 102 4.64 -1.41 -5.31
N ASN A 103 3.52 -2.10 -5.48
CA ASN A 103 3.15 -3.16 -4.55
C ASN A 103 4.13 -4.34 -4.63
N MET A 104 4.63 -4.64 -5.83
CA MET A 104 5.68 -5.64 -5.96
C MET A 104 6.93 -5.22 -5.17
N VAL A 105 7.29 -3.94 -5.26
CA VAL A 105 8.43 -3.43 -4.49
C VAL A 105 8.19 -3.61 -3.00
N GLN A 106 7.00 -3.22 -2.52
CA GLN A 106 6.72 -3.32 -1.09
CA GLN A 106 6.72 -3.32 -1.09
C GLN A 106 6.77 -4.77 -0.62
N TYR A 107 6.22 -5.69 -1.41
CA TYR A 107 6.29 -7.10 -1.06
C TYR A 107 7.74 -7.56 -0.95
N THR A 108 8.58 -7.16 -1.91
CA THR A 108 9.97 -7.59 -1.91
C THR A 108 10.74 -7.02 -0.72
N LEU A 109 10.58 -5.72 -0.45
CA LEU A 109 11.24 -5.12 0.71
C LEU A 109 10.86 -5.85 2.00
N ASP A 110 9.58 -6.17 2.16
CA ASP A 110 9.13 -6.82 3.39
C ASP A 110 9.64 -8.25 3.49
N LYS A 111 9.51 -9.03 2.42
CA LYS A 111 9.82 -10.45 2.50
C LYS A 111 11.32 -10.70 2.56
N TYR A 112 12.12 -9.84 1.95
CA TYR A 112 13.55 -10.04 1.83
C TYR A 112 14.35 -9.07 2.68
N SER A 113 13.68 -8.34 3.58
CA SER A 113 14.32 -7.37 4.45
C SER A 113 15.21 -6.40 3.67
N GLY A 114 14.64 -5.89 2.57
CA GLY A 114 15.38 -5.01 1.70
C GLY A 114 15.49 -3.61 2.24
N ASP A 115 16.39 -2.84 1.63
CA ASP A 115 16.64 -1.46 2.00
C ASP A 115 15.70 -0.58 1.21
N SER A 116 14.71 0.00 1.88
CA SER A 116 13.72 0.80 1.15
C SER A 116 14.31 2.08 0.57
N SER A 117 15.52 2.47 1.02
CA SER A 117 16.21 3.64 0.46
C SER A 117 16.97 3.31 -0.81
N LYS A 118 16.97 2.05 -1.24
CA LYS A 118 17.75 1.60 -2.39
C LYS A 118 16.87 0.81 -3.34
N VAL A 119 15.77 1.43 -3.78
CA VAL A 119 14.88 0.85 -4.79
C VAL A 119 15.04 1.67 -6.07
N PHE A 120 15.29 0.97 -7.18
CA PHE A 120 15.59 1.61 -8.45
C PHE A 120 14.76 0.95 -9.53
N THR A 121 14.68 1.60 -10.68
CA THR A 121 13.99 1.02 -11.82
CA THR A 121 13.96 1.08 -11.82
C THR A 121 14.76 1.32 -13.09
N THR A 122 14.74 0.35 -14.01
CA THR A 122 15.32 0.50 -15.33
C THR A 122 14.41 -0.21 -16.31
N GLY A 123 14.40 0.26 -17.56
CA GLY A 123 13.55 -0.38 -18.55
C GLY A 123 13.90 0.12 -19.92
N SER A 124 13.35 -0.59 -20.91
CA SER A 124 13.62 -0.32 -22.32
C SER A 124 12.31 -0.01 -23.02
N SER A 125 12.34 1.04 -23.85
CA SER A 125 11.18 1.49 -24.61
CA SER A 125 11.19 1.51 -24.61
C SER A 125 9.96 1.64 -23.71
N SER A 126 8.93 0.81 -23.90
CA SER A 126 7.77 0.91 -23.00
C SER A 126 8.19 0.87 -21.53
N GLY A 127 9.13 -0.01 -21.18
CA GLY A 127 9.61 -0.06 -19.82
C GLY A 127 10.36 1.19 -19.39
N ALA A 128 11.04 1.84 -20.34
CA ALA A 128 11.66 3.14 -20.05
C ALA A 128 10.59 4.21 -19.80
N MET A 129 9.51 4.20 -20.60
N MET A 129 9.49 4.15 -20.55
CA MET A 129 8.40 5.10 -20.34
CA MET A 129 8.40 5.11 -20.36
C MET A 129 7.88 4.92 -18.92
C MET A 129 7.73 4.91 -18.99
N MET A 130 7.64 3.66 -18.53
CA MET A 130 7.14 3.40 -17.18
C MET A 130 8.16 3.79 -16.11
N SER A 131 9.47 3.63 -16.38
CA SER A 131 10.46 4.06 -15.40
CA SER A 131 10.46 4.05 -15.39
C SER A 131 10.31 5.54 -15.07
N LEU A 132 10.02 6.37 -16.08
CA LEU A 132 9.81 7.79 -15.82
C LEU A 132 8.48 8.07 -15.13
N VAL A 133 7.45 7.26 -15.41
CA VAL A 133 6.21 7.34 -14.63
C VAL A 133 6.49 7.06 -13.17
N LEU A 134 7.26 6.00 -12.89
CA LEU A 134 7.58 5.68 -11.50
C LEU A 134 8.37 6.81 -10.84
N ALA A 135 9.26 7.45 -11.60
CA ALA A 135 10.03 8.57 -11.05
C ALA A 135 9.12 9.74 -10.69
N ALA A 136 8.17 10.06 -11.57
CA ALA A 136 7.33 11.24 -11.35
C ALA A 136 6.21 10.98 -10.34
N ALA A 137 5.62 9.78 -10.39
CA ALA A 137 4.48 9.47 -9.54
C ALA A 137 4.86 8.88 -8.20
N TYR A 138 6.02 8.21 -8.12
CA TYR A 138 6.46 7.55 -6.88
C TYR A 138 7.89 7.94 -6.49
N PRO A 139 8.18 9.25 -6.41
CA PRO A 139 9.50 9.67 -5.92
C PRO A 139 9.71 9.35 -4.45
N ASP A 140 8.66 8.97 -3.74
CA ASP A 140 8.76 8.47 -2.37
C ASP A 140 9.14 7.00 -2.29
N VAL A 141 9.22 6.32 -3.43
CA VAL A 141 9.57 4.90 -3.48
C VAL A 141 10.92 4.67 -4.14
N PHE A 142 11.19 5.33 -5.25
CA PHE A 142 12.37 5.05 -6.06
C PHE A 142 13.47 6.08 -5.82
N SER A 143 14.70 5.60 -5.68
CA SER A 143 15.88 6.42 -5.47
CA SER A 143 15.84 6.48 -5.48
C SER A 143 16.55 6.83 -6.77
N GLY A 144 16.34 6.07 -7.84
CA GLY A 144 16.97 6.36 -9.10
C GLY A 144 16.34 5.55 -10.20
N VAL A 145 16.37 6.08 -11.43
CA VAL A 145 15.80 5.40 -12.58
C VAL A 145 16.75 5.52 -13.76
N ALA A 146 16.70 4.53 -14.64
CA ALA A 146 17.48 4.52 -15.88
C ALA A 146 16.55 4.13 -17.02
N ALA A 147 16.28 5.07 -17.91
CA ALA A 147 15.30 4.90 -18.98
C ALA A 147 16.04 4.78 -20.30
N TYR A 148 15.95 3.60 -20.92
CA TYR A 148 16.61 3.33 -22.20
C TYR A 148 15.59 3.44 -23.33
N SER A 149 15.72 4.49 -24.15
CA SER A 149 14.96 4.65 -25.39
C SER A 149 13.46 4.84 -25.14
N GLY A 150 13.13 5.80 -24.28
CA GLY A 150 11.75 6.05 -23.93
C GLY A 150 11.19 7.37 -24.41
N VAL A 151 10.19 7.87 -23.68
CA VAL A 151 9.38 9.04 -24.02
C VAL A 151 9.22 9.86 -22.74
N PRO A 152 9.19 11.19 -22.81
CA PRO A 152 9.02 11.99 -21.59
C PRO A 152 7.73 11.63 -20.85
N TYR A 153 7.78 11.76 -19.52
CA TYR A 153 6.61 11.49 -18.69
C TYR A 153 5.43 12.36 -19.09
N GLY A 154 4.25 11.73 -19.27
CA GLY A 154 3.02 12.43 -19.55
C GLY A 154 2.73 12.67 -21.02
N CYS A 155 3.68 12.33 -21.89
CA CYS A 155 3.44 12.54 -23.32
C CYS A 155 2.17 11.81 -23.78
N LEU A 156 1.92 10.62 -23.23
CA LEU A 156 0.77 9.81 -23.67
C LEU A 156 -0.46 9.99 -22.78
N ARG A 157 -0.47 11.00 -21.92
CA ARG A 157 -1.62 11.26 -21.07
C ARG A 157 -2.89 11.43 -21.93
N GLY A 158 -3.91 10.63 -21.64
CA GLY A 158 -5.15 10.68 -22.37
C GLY A 158 -5.17 9.91 -23.67
N SER A 159 -4.05 9.30 -24.05
CA SER A 159 -4.02 8.46 -25.24
C SER A 159 -4.93 7.25 -25.04
N PRO A 160 -5.54 6.74 -26.10
CA PRO A 160 -6.40 5.54 -25.99
C PRO A 160 -5.64 4.24 -25.83
N GLY A 161 -4.32 4.30 -25.69
CA GLY A 161 -3.51 3.13 -25.42
C GLY A 161 -2.07 3.53 -25.30
N SER A 162 -1.22 2.52 -25.06
CA SER A 162 0.20 2.76 -24.84
C SER A 162 1.06 1.88 -25.74
N SER A 163 0.50 1.37 -26.84
CA SER A 163 1.20 0.41 -27.68
C SER A 163 1.32 0.93 -29.11
N PRO A 164 2.16 0.33 -29.95
CA PRO A 164 2.23 0.72 -31.36
C PRO A 164 0.92 0.55 -32.11
N PHE A 165 -0.05 -0.15 -31.54
CA PHE A 165 -1.29 -0.47 -32.23
C PHE A 165 -2.50 0.17 -31.59
N THR A 166 -2.32 0.87 -30.47
CA THR A 166 -3.43 1.45 -29.72
C THR A 166 -3.19 2.89 -29.31
N ALA A 167 -1.93 3.33 -29.17
CA ALA A 167 -1.69 4.69 -28.72
C ALA A 167 -1.87 5.70 -29.86
N ASP A 168 -2.12 6.94 -29.48
CA ASP A 168 -1.85 8.06 -30.37
CA ASP A 168 -1.85 8.04 -30.40
C ASP A 168 -0.36 8.02 -30.71
N GLN A 169 -0.03 7.99 -31.99
CA GLN A 169 1.36 7.78 -32.39
C GLN A 169 2.21 9.04 -32.39
N ALA A 170 1.63 10.20 -32.05
CA ALA A 170 2.42 11.44 -32.09
C ALA A 170 3.69 11.34 -31.23
N CYS A 171 3.57 10.79 -30.03
CA CYS A 171 4.73 10.70 -29.15
CA CYS A 171 4.72 10.67 -29.13
C CYS A 171 5.83 9.84 -29.76
N ALA A 172 5.51 8.61 -30.13
CA ALA A 172 6.52 7.72 -30.73
C ALA A 172 7.11 8.32 -32.00
N ASN A 173 6.31 9.06 -32.76
CA ASN A 173 6.78 9.64 -34.01
C ASN A 173 7.66 10.85 -33.79
N GLY A 174 7.78 11.34 -32.56
CA GLY A 174 8.55 12.54 -32.31
C GLY A 174 7.85 13.82 -32.67
N GLU A 175 6.52 13.80 -32.70
CA GLU A 175 5.73 14.96 -33.10
C GLU A 175 5.31 15.83 -31.93
N VAL A 176 5.59 15.43 -30.70
CA VAL A 176 5.18 16.18 -29.53
C VAL A 176 6.40 16.93 -28.99
N SER A 177 6.33 18.24 -29.03
CA SER A 177 7.39 19.08 -28.46
C SER A 177 6.74 20.08 -27.52
N ARG A 178 7.28 20.17 -26.30
CA ARG A 178 6.79 21.11 -25.31
C ARG A 178 7.97 21.79 -24.65
N THR A 179 7.74 22.93 -24.02
CA THR A 179 8.86 23.60 -23.37
C THR A 179 9.28 22.83 -22.13
N ALA A 180 10.49 23.16 -21.66
CA ALA A 180 10.97 22.56 -20.41
C ALA A 180 9.98 22.81 -19.28
N GLN A 181 9.43 24.02 -19.20
CA GLN A 181 8.45 24.32 -18.15
C GLN A 181 7.20 23.47 -18.29
N GLU A 182 6.72 23.29 -19.52
CA GLU A 182 5.54 22.45 -19.73
C GLU A 182 5.80 21.01 -19.30
N TRP A 183 6.98 20.47 -19.63
CA TRP A 183 7.29 19.10 -19.21
C TRP A 183 7.48 19.02 -17.70
N LYS A 184 7.98 20.08 -17.07
CA LYS A 184 8.07 20.09 -15.61
C LYS A 184 6.68 20.08 -15.01
N ASP A 185 5.76 20.87 -15.58
CA ASP A 185 4.37 20.87 -15.14
C ASP A 185 3.76 19.48 -15.25
N GLU A 186 4.09 18.75 -16.32
CA GLU A 186 3.61 17.38 -16.43
C GLU A 186 4.07 16.53 -15.25
N VAL A 187 5.37 16.60 -14.92
CA VAL A 187 5.87 15.83 -13.77
C VAL A 187 5.10 16.20 -12.50
N LYS A 188 4.85 17.49 -12.27
CA LYS A 188 4.12 17.87 -11.07
C LYS A 188 2.71 17.29 -11.06
N MET A 189 2.10 17.14 -12.23
CA MET A 189 0.75 16.58 -12.30
CA MET A 189 0.75 16.58 -12.30
CA MET A 189 0.75 16.58 -12.32
C MET A 189 0.70 15.13 -11.86
N ALA A 190 1.83 14.43 -11.83
CA ALA A 190 1.83 13.04 -11.36
C ALA A 190 1.48 12.95 -9.88
N TRP A 191 1.74 13.99 -9.11
CA TRP A 191 1.48 13.99 -7.67
C TRP A 191 1.24 15.43 -7.27
N PRO A 192 0.02 15.92 -7.50
N PRO A 192 0.03 15.93 -7.55
CA PRO A 192 -0.20 17.38 -7.44
CA PRO A 192 -0.27 17.33 -7.23
C PRO A 192 0.28 18.08 -6.16
C PRO A 192 -0.11 17.58 -5.75
N GLY A 193 0.06 17.48 -5.00
N GLY A 193 0.60 18.66 -5.43
CA GLY A 193 0.42 18.13 -3.76
CA GLY A 193 0.87 18.99 -4.06
C GLY A 193 1.80 17.78 -3.24
C GLY A 193 2.10 18.34 -3.46
N TYR A 194 2.70 17.35 -4.11
CA TYR A 194 3.98 16.79 -3.64
C TYR A 194 4.99 17.91 -3.37
N ASN A 195 5.67 17.82 -2.22
CA ASN A 195 6.59 18.86 -1.79
C ASN A 195 8.06 18.46 -1.88
N GLY A 196 8.38 17.22 -2.24
CA GLY A 196 9.69 16.68 -2.04
C GLY A 196 10.56 16.64 -3.28
N THR A 197 11.59 15.81 -3.22
CA THR A 197 12.59 15.67 -4.25
C THR A 197 12.23 14.52 -5.18
N TYR A 198 12.95 14.47 -6.28
CA TYR A 198 12.76 13.42 -7.27
C TYR A 198 13.98 12.54 -7.36
N PRO A 199 13.82 11.28 -7.80
CA PRO A 199 14.96 10.38 -7.90
C PRO A 199 15.93 10.80 -8.99
N LYS A 200 17.18 10.35 -8.86
CA LYS A 200 18.18 10.53 -9.92
C LYS A 200 17.66 9.90 -11.21
N VAL A 201 17.76 10.63 -12.32
CA VAL A 201 17.23 10.16 -13.60
C VAL A 201 18.35 10.09 -14.62
N GLN A 202 18.46 8.93 -15.28
CA GLN A 202 19.44 8.69 -16.33
C GLN A 202 18.68 8.25 -17.57
N VAL A 203 18.86 8.97 -18.69
CA VAL A 203 18.16 8.62 -19.93
C VAL A 203 19.17 8.32 -21.03
N TRP A 204 18.77 7.42 -21.94
CA TRP A 204 19.58 6.99 -23.07
C TRP A 204 18.69 6.96 -24.32
N HIS A 205 19.27 7.29 -25.47
CA HIS A 205 18.55 7.14 -26.72
C HIS A 205 19.53 7.00 -27.87
N GLY A 206 19.12 6.28 -28.91
CA GLY A 206 19.91 6.12 -30.11
C GLY A 206 19.42 7.03 -31.23
N THR A 207 20.38 7.59 -31.99
CA THR A 207 20.03 8.53 -33.06
C THR A 207 19.31 7.86 -34.21
N ALA A 208 19.41 6.53 -34.34
CA ALA A 208 18.85 5.81 -35.46
C ALA A 208 17.57 5.06 -35.09
N ASP A 209 16.97 5.37 -33.95
CA ASP A 209 15.80 4.64 -33.45
C ASP A 209 14.60 4.93 -34.34
N SER A 210 14.11 3.89 -35.05
CA SER A 210 12.96 4.02 -35.92
C SER A 210 11.64 3.72 -35.23
N VAL A 211 11.68 3.31 -33.97
CA VAL A 211 10.47 2.93 -33.23
C VAL A 211 10.02 4.10 -32.37
N ILE A 212 10.90 4.58 -31.51
CA ILE A 212 10.66 5.76 -30.69
C ILE A 212 11.61 6.84 -31.17
N SER A 213 11.05 7.92 -31.72
CA SER A 213 11.86 8.96 -32.34
C SER A 213 12.88 9.53 -31.35
N PRO A 214 14.12 9.76 -31.80
CA PRO A 214 15.11 10.41 -30.92
C PRO A 214 14.75 11.83 -30.53
N ASN A 215 13.76 12.46 -31.18
CA ASN A 215 13.26 13.73 -30.67
C ASN A 215 12.83 13.60 -29.22
N ASN A 216 12.37 12.40 -28.83
CA ASN A 216 11.95 12.20 -27.45
C ASN A 216 13.09 12.37 -26.47
N PHE A 217 14.33 12.12 -26.90
CA PHE A 217 15.49 12.38 -26.07
C PHE A 217 15.57 13.86 -25.70
N ASP A 218 15.43 14.74 -26.71
CA ASP A 218 15.45 16.17 -26.43
C ASP A 218 14.34 16.56 -25.47
N GLU A 219 13.16 15.96 -25.63
CA GLU A 219 12.05 16.29 -24.74
C GLU A 219 12.29 15.80 -23.31
N GLU A 220 12.87 14.61 -23.16
CA GLU A 220 13.22 14.14 -21.82
C GLU A 220 14.26 15.05 -21.19
N VAL A 221 15.23 15.52 -21.98
CA VAL A 221 16.25 16.43 -21.44
C VAL A 221 15.60 17.71 -20.96
N LYS A 222 14.72 18.29 -21.78
CA LYS A 222 13.98 19.48 -21.34
C LYS A 222 13.22 19.20 -20.06
N GLN A 223 12.56 18.04 -19.98
CA GLN A 223 11.74 17.71 -18.82
C GLN A 223 12.55 17.66 -17.52
N TRP A 224 13.62 16.85 -17.50
CA TRP A 224 14.29 16.62 -16.22
C TRP A 224 15.29 17.71 -15.88
N SER A 225 15.87 18.38 -16.89
CA SER A 225 16.65 19.56 -16.57
C SER A 225 15.77 20.62 -15.89
N ALA A 226 14.52 20.74 -16.32
CA ALA A 226 13.61 21.70 -15.68
C ALA A 226 13.23 21.24 -14.28
N VAL A 227 12.94 19.94 -14.10
CA VAL A 227 12.57 19.43 -12.78
C VAL A 227 13.64 19.76 -11.75
N PHE A 228 14.90 19.57 -12.12
CA PHE A 228 16.01 19.75 -11.18
C PHE A 228 16.62 21.14 -11.24
N GLY A 229 16.20 21.98 -12.19
CA GLY A 229 16.76 23.33 -12.31
C GLY A 229 18.22 23.36 -12.70
N VAL A 230 18.60 22.56 -13.70
CA VAL A 230 20.00 22.40 -14.05
C VAL A 230 20.21 22.60 -15.54
N ASN A 231 21.41 23.03 -15.90
CA ASN A 231 21.87 23.08 -17.28
C ASN A 231 23.00 22.08 -17.47
N VAL A 232 23.32 21.79 -18.73
CA VAL A 232 24.50 20.99 -19.01
C VAL A 232 25.73 21.72 -18.52
N THR A 233 26.54 21.04 -17.70
CA THR A 233 27.80 21.60 -17.21
C THR A 233 29.02 20.87 -17.75
N LYS A 234 28.84 19.68 -18.31
CA LYS A 234 29.96 18.85 -18.74
C LYS A 234 29.44 17.87 -19.78
N GLU A 235 30.28 17.57 -20.77
CA GLU A 235 29.93 16.56 -21.77
CA GLU A 235 29.94 16.61 -21.81
C GLU A 235 31.14 15.68 -22.01
N GLU A 236 30.90 14.39 -22.12
CA GLU A 236 31.94 13.42 -22.39
C GLU A 236 31.61 12.71 -23.69
N GLN A 237 32.57 12.70 -24.62
CA GLN A 237 32.40 11.99 -25.87
CA GLN A 237 32.38 11.98 -25.86
C GLN A 237 32.83 10.53 -25.72
N ASP A 238 32.25 9.65 -26.53
CA ASP A 238 32.59 8.24 -26.53
C ASP A 238 32.51 7.65 -25.13
N SER A 239 31.43 7.97 -24.44
CA SER A 239 31.29 7.67 -23.03
C SER A 239 29.88 7.12 -22.78
N PRO A 240 29.74 5.83 -22.43
CA PRO A 240 30.79 4.87 -22.10
C PRO A 240 31.36 4.09 -23.28
N LEU A 241 30.76 4.25 -24.46
CA LEU A 241 31.18 3.54 -25.66
C LEU A 241 31.32 4.54 -26.79
N ASP A 242 32.06 4.15 -27.84
CA ASP A 242 32.25 5.03 -28.98
C ASP A 242 30.91 5.45 -29.56
N GLY A 243 30.77 6.75 -29.86
CA GLY A 243 29.55 7.29 -30.38
C GLY A 243 28.52 7.69 -29.35
N TYR A 244 28.74 7.36 -28.07
CA TYR A 244 27.83 7.77 -27.01
C TYR A 244 28.31 9.12 -26.46
N THR A 245 27.43 10.12 -26.47
CA THR A 245 27.75 11.41 -25.89
C THR A 245 27.00 11.54 -24.57
N ARG A 246 27.76 11.71 -23.48
CA ARG A 246 27.19 11.79 -22.15
C ARG A 246 27.07 13.27 -21.77
N SER A 247 25.85 13.69 -21.45
CA SER A 247 25.62 15.05 -20.99
C SER A 247 25.38 15.03 -19.50
N ILE A 248 26.19 15.77 -18.76
CA ILE A 248 26.13 15.86 -17.31
C ILE A 248 25.55 17.22 -16.95
N PHE A 249 24.57 17.23 -16.05
CA PHE A 249 23.83 18.44 -15.72
C PHE A 249 24.14 18.85 -14.28
N GLY A 250 24.23 20.17 -14.06
CA GLY A 250 24.49 20.66 -12.72
C GLY A 250 25.74 20.05 -12.13
N ASP A 251 25.65 19.66 -10.86
CA ASP A 251 26.76 19.00 -10.19
C ASP A 251 26.77 17.49 -10.44
N GLY A 252 25.95 17.00 -11.36
CA GLY A 252 25.92 15.61 -11.73
C GLY A 252 25.15 14.70 -10.79
N SER A 253 24.49 15.25 -9.78
CA SER A 253 23.84 14.42 -8.76
C SER A 253 22.39 14.07 -9.09
N HIS A 254 21.80 14.64 -10.14
CA HIS A 254 20.37 14.41 -10.37
C HIS A 254 20.01 13.91 -11.76
N PHE A 255 20.70 14.36 -12.80
CA PHE A 255 20.26 14.04 -14.16
C PHE A 255 21.47 13.92 -15.08
N GLU A 256 21.52 12.84 -15.86
CA GLU A 256 22.49 12.71 -16.93
C GLU A 256 21.83 12.00 -18.11
N ALA A 257 22.37 12.23 -19.31
CA ALA A 257 21.71 11.78 -20.53
C ALA A 257 22.75 11.33 -21.53
N TYR A 258 22.45 10.26 -22.26
CA TYR A 258 23.35 9.68 -23.23
C TYR A 258 22.66 9.57 -24.58
N LEU A 259 23.27 10.12 -25.62
CA LEU A 259 22.79 9.99 -26.99
C LEU A 259 23.81 9.17 -27.77
N ALA A 260 23.37 8.05 -28.35
CA ALA A 260 24.27 7.07 -28.97
C ALA A 260 24.15 7.16 -30.48
N GLU A 261 25.22 7.61 -31.12
CA GLU A 261 25.24 7.76 -32.58
C GLU A 261 25.13 6.40 -33.26
N GLY A 262 24.19 6.30 -34.20
CA GLY A 262 24.04 5.12 -35.01
C GLY A 262 23.23 4.00 -34.38
N VAL A 263 22.91 4.09 -33.09
CA VAL A 263 22.18 3.05 -32.38
C VAL A 263 20.69 3.26 -32.59
N GLY A 264 19.97 2.16 -32.77
CA GLY A 264 18.52 2.22 -33.00
C GLY A 264 17.73 1.81 -31.77
N HIS A 265 16.59 1.17 -32.03
CA HIS A 265 15.73 0.63 -30.99
C HIS A 265 16.32 -0.72 -30.57
N VAL A 266 16.79 -0.87 -29.34
CA VAL A 266 16.94 0.16 -28.30
C VAL A 266 18.42 0.28 -27.97
N VAL A 267 18.77 1.26 -27.15
CA VAL A 267 20.12 1.34 -26.61
C VAL A 267 20.31 0.17 -25.67
N PRO A 268 21.33 -0.67 -25.88
CA PRO A 268 21.55 -1.78 -24.95
C PRO A 268 21.92 -1.26 -23.57
N THR A 269 21.43 -1.96 -22.55
CA THR A 269 21.68 -1.52 -21.18
C THR A 269 23.17 -1.57 -20.88
N GLN A 270 23.69 -0.48 -20.29
CA GLN A 270 25.09 -0.37 -19.89
C GLN A 270 25.08 -0.54 -18.38
N VAL A 271 25.31 -1.78 -17.92
CA VAL A 271 25.05 -2.09 -16.52
C VAL A 271 25.98 -1.30 -15.59
N ASP A 272 27.25 -1.13 -15.97
CA ASP A 272 28.17 -0.36 -15.13
C ASP A 272 27.70 1.08 -14.97
N SER A 273 27.33 1.73 -16.09
CA SER A 273 26.89 3.11 -16.04
C SER A 273 25.62 3.25 -15.19
N THR A 274 24.71 2.27 -15.31
CA THR A 274 23.46 2.36 -14.58
C THR A 274 23.66 2.03 -13.10
N LEU A 275 24.44 0.99 -12.79
CA LEU A 275 24.67 0.67 -11.39
C LEU A 275 25.46 1.76 -10.68
N ARG A 276 26.41 2.38 -11.37
CA ARG A 276 27.15 3.48 -10.75
CA ARG A 276 27.15 3.48 -10.74
C ARG A 276 26.23 4.67 -10.49
N TRP A 277 25.32 4.93 -11.42
CA TRP A 277 24.34 5.98 -11.21
C TRP A 277 23.49 5.70 -9.99
N PHE A 278 23.14 4.43 -9.77
CA PHE A 278 22.36 4.03 -8.60
C PHE A 278 23.18 3.97 -7.32
N GLY A 279 24.49 4.16 -7.41
CA GLY A 279 25.33 4.12 -6.22
C GLY A 279 25.66 2.74 -5.71
N LEU A 280 25.47 1.71 -6.53
CA LEU A 280 25.63 0.34 -6.08
C LEU A 280 27.01 -0.24 -6.35
N ILE A 281 27.82 0.39 -7.19
CA ILE A 281 29.19 -0.08 -7.46
C ILE A 281 30.26 0.98 -7.27
N ALA B 7 -8.55 17.46 5.80
CA ALA B 7 -9.91 17.73 6.22
C ALA B 7 -9.97 17.88 7.74
N THR B 8 -11.17 17.94 8.31
CA THR B 8 -11.35 18.21 9.73
C THR B 8 -12.35 17.22 10.32
N LEU B 9 -12.07 16.74 11.52
CA LEU B 9 -13.04 15.92 12.24
C LEU B 9 -14.19 16.80 12.73
N SER B 10 -15.41 16.38 12.43
CA SER B 10 -16.60 17.15 12.73
C SER B 10 -17.64 16.24 13.38
N GLN B 11 -18.36 16.78 14.36
CA GLN B 11 -19.38 16.00 15.04
C GLN B 11 -20.69 16.01 14.25
N VAL B 12 -21.30 14.84 14.13
CA VAL B 12 -22.63 14.70 13.54
C VAL B 12 -23.62 14.69 14.70
N LEU B 13 -24.43 15.74 14.79
CA LEU B 13 -25.32 15.88 15.94
C LEU B 13 -26.51 14.95 15.89
N ASP B 14 -27.03 14.64 14.69
CA ASP B 14 -28.18 13.75 14.55
C ASP B 14 -27.87 12.78 13.41
N PHE B 15 -27.56 11.54 13.75
CA PHE B 15 -27.34 10.49 12.77
C PHE B 15 -28.46 9.46 12.78
N GLY B 16 -29.50 9.66 13.59
CA GLY B 16 -30.58 8.71 13.66
C GLY B 16 -30.74 8.13 15.05
N ASN B 17 -31.39 6.97 15.14
CA ASN B 17 -31.64 6.35 16.44
C ASN B 17 -30.32 6.03 17.12
N ASN B 18 -30.23 6.33 18.42
CA ASN B 18 -28.97 6.33 19.16
C ASN B 18 -29.17 5.64 20.50
N PRO B 19 -29.42 4.33 20.50
CA PRO B 19 -29.69 3.62 21.78
C PRO B 19 -28.52 3.65 22.76
N GLY B 20 -27.30 3.78 22.28
CA GLY B 20 -26.16 3.84 23.18
C GLY B 20 -25.84 5.22 23.69
N ASP B 21 -26.56 6.24 23.22
CA ASP B 21 -26.30 7.63 23.63
C ASP B 21 -24.85 8.03 23.35
N ASN B 22 -24.37 7.67 22.17
CA ASN B 22 -22.99 7.90 21.76
C ASN B 22 -22.88 9.17 20.92
N GLU B 23 -21.66 9.67 20.82
CA GLU B 23 -21.33 10.73 19.89
C GLU B 23 -20.87 10.12 18.58
N MET B 24 -21.09 10.85 17.49
CA MET B 24 -20.57 10.45 16.19
C MET B 24 -19.71 11.60 15.67
N TRP B 25 -18.47 11.28 15.31
CA TRP B 25 -17.58 12.22 14.67
C TRP B 25 -17.15 11.61 13.33
N ILE B 26 -17.00 12.47 12.33
CA ILE B 26 -16.77 12.01 10.97
C ILE B 26 -15.62 12.81 10.36
N TYR B 27 -14.82 12.12 9.54
CA TYR B 27 -13.73 12.72 8.78
C TYR B 27 -13.96 12.33 7.32
N VAL B 28 -14.34 13.30 6.50
CA VAL B 28 -14.62 13.08 5.09
C VAL B 28 -13.50 13.74 4.29
N PRO B 29 -12.72 12.97 3.53
CA PRO B 29 -11.61 13.59 2.78
C PRO B 29 -12.13 14.45 1.64
N ASP B 30 -11.33 15.45 1.26
CA ASP B 30 -11.76 16.39 0.24
C ASP B 30 -11.86 15.72 -1.12
N GLN B 31 -10.98 14.77 -1.40
CA GLN B 31 -11.03 13.98 -2.63
CA GLN B 31 -11.03 13.98 -2.63
C GLN B 31 -11.63 12.63 -2.26
N LEU B 32 -12.95 12.57 -2.31
CA LEU B 32 -13.71 11.41 -1.89
C LEU B 32 -13.86 10.45 -3.06
N ALA B 33 -13.69 9.16 -2.79
CA ALA B 33 -13.83 8.16 -3.83
C ALA B 33 -15.29 8.00 -4.22
N ALA B 34 -15.51 7.53 -5.44
CA ALA B 34 -16.84 7.11 -5.83
CA ALA B 34 -16.84 7.11 -5.83
C ALA B 34 -17.21 5.87 -5.03
N ASN B 35 -18.40 5.87 -4.45
CA ASN B 35 -18.86 4.80 -3.57
C ASN B 35 -17.82 4.54 -2.50
N PRO B 36 -17.64 5.47 -1.55
CA PRO B 36 -16.53 5.36 -0.61
C PRO B 36 -16.74 4.24 0.40
N ALA B 37 -15.61 3.62 0.77
CA ALA B 37 -15.57 2.74 1.93
C ALA B 37 -15.71 3.56 3.21
N VAL B 38 -16.03 2.87 4.30
CA VAL B 38 -16.20 3.50 5.61
C VAL B 38 -15.40 2.69 6.63
N ILE B 39 -14.55 3.37 7.39
CA ILE B 39 -13.80 2.74 8.48
C ILE B 39 -14.25 3.36 9.79
N VAL B 40 -14.75 2.52 10.69
CA VAL B 40 -15.10 2.92 12.04
C VAL B 40 -13.88 2.75 12.92
N ALA B 41 -13.47 3.80 13.63
CA ALA B 41 -12.27 3.78 14.44
C ALA B 41 -12.66 4.05 15.89
N LEU B 42 -12.43 3.07 16.77
CA LEU B 42 -13.00 3.04 18.12
C LEU B 42 -11.95 3.27 19.20
N HIS B 43 -12.15 4.33 19.99
CA HIS B 43 -11.26 4.69 21.08
C HIS B 43 -11.33 3.69 22.24
N GLY B 44 -10.33 3.78 23.11
CA GLY B 44 -10.27 2.96 24.30
C GLY B 44 -10.91 3.61 25.52
N CYS B 45 -10.94 2.86 26.61
CA CYS B 45 -11.47 3.37 27.87
C CYS B 45 -10.78 4.67 28.26
N LEU B 46 -11.54 5.55 28.90
CA LEU B 46 -11.05 6.84 29.37
C LEU B 46 -10.66 7.76 28.23
N GLY B 47 -10.99 7.40 26.98
CA GLY B 47 -10.64 8.17 25.81
C GLY B 47 -11.84 8.87 25.19
N SER B 48 -11.67 9.25 23.92
CA SER B 48 -12.71 9.98 23.22
C SER B 48 -12.50 9.84 21.72
N ALA B 49 -13.56 10.17 20.97
CA ALA B 49 -13.46 10.19 19.51
C ALA B 49 -12.37 11.15 19.06
N GLU B 50 -12.37 12.37 19.59
CA GLU B 50 -11.35 13.34 19.20
C GLU B 50 -9.96 12.88 19.60
N GLY B 51 -9.84 12.29 20.78
CA GLY B 51 -8.54 11.80 21.22
C GLY B 51 -8.01 10.69 20.33
N TYR B 52 -8.88 9.77 19.91
CA TYR B 52 -8.42 8.67 19.09
C TYR B 52 -8.07 9.15 17.69
N TYR B 53 -8.81 10.14 17.19
CA TYR B 53 -8.46 10.78 15.93
C TYR B 53 -7.06 11.35 15.98
N SER B 54 -6.69 11.97 17.10
CA SER B 54 -5.33 12.50 17.22
CA SER B 54 -5.34 12.51 17.23
C SER B 54 -4.30 11.41 17.50
N GLU B 55 -4.72 10.31 18.13
CA GLU B 55 -3.77 9.25 18.49
C GLU B 55 -3.33 8.41 17.30
N VAL B 56 -4.25 8.05 16.41
CA VAL B 56 -3.92 7.18 15.27
C VAL B 56 -3.59 8.10 14.11
N GLN B 57 -2.39 8.67 14.16
CA GLN B 57 -2.02 9.77 13.27
C GLN B 57 -2.00 9.39 11.80
N ASP B 58 -1.80 8.12 11.48
CA ASP B 58 -1.68 7.71 10.07
C ASP B 58 -3.02 7.49 9.40
N LEU B 59 -4.13 7.42 10.15
CA LEU B 59 -5.42 7.11 9.51
C LEU B 59 -5.95 8.25 8.65
N PRO B 60 -6.04 9.48 9.12
CA PRO B 60 -6.62 10.54 8.28
C PRO B 60 -5.84 10.78 7.01
N PRO B 61 -4.49 10.78 7.03
CA PRO B 61 -3.77 10.91 5.75
C PRO B 61 -4.08 9.77 4.79
N ALA B 62 -4.29 8.55 5.30
CA ALA B 62 -4.68 7.45 4.43
C ALA B 62 -6.06 7.70 3.83
N ALA B 63 -6.97 8.29 4.61
CA ALA B 63 -8.26 8.66 4.03
C ALA B 63 -8.10 9.73 2.97
N ASP B 64 -7.24 10.73 3.23
CA ASP B 64 -6.97 11.77 2.24
C ASP B 64 -6.49 11.16 0.92
N GLU B 65 -5.61 10.17 1.00
CA GLU B 65 -4.97 9.62 -0.19
CA GLU B 65 -4.96 9.61 -0.19
C GLU B 65 -5.86 8.64 -0.94
N ASN B 66 -6.69 7.89 -0.22
CA ASN B 66 -7.46 6.81 -0.83
C ASN B 66 -8.95 7.10 -0.94
N GLY B 67 -9.44 8.16 -0.31
CA GLY B 67 -10.81 8.58 -0.54
C GLY B 67 -11.89 7.85 0.24
N PHE B 68 -11.56 7.17 1.32
CA PHE B 68 -12.56 6.56 2.18
C PHE B 68 -12.91 7.49 3.34
N ILE B 69 -14.03 7.19 4.00
CA ILE B 69 -14.55 8.00 5.10
C ILE B 69 -14.20 7.34 6.42
N LEU B 70 -13.81 8.14 7.40
CA LEU B 70 -13.56 7.68 8.76
C LEU B 70 -14.69 8.12 9.67
N VAL B 71 -15.19 7.20 10.49
CA VAL B 71 -16.18 7.49 11.51
C VAL B 71 -15.55 7.16 12.86
N TYR B 72 -15.58 8.13 13.78
CA TYR B 72 -15.07 7.93 15.13
C TYR B 72 -16.22 8.02 16.11
N PRO B 73 -16.81 6.90 16.54
CA PRO B 73 -17.84 6.97 17.58
C PRO B 73 -17.21 7.32 18.92
N GLY B 74 -18.01 7.92 19.77
CA GLY B 74 -17.55 8.29 21.11
C GLY B 74 -18.50 7.77 22.17
N SER B 75 -17.92 7.23 23.24
CA SER B 75 -18.68 6.76 24.39
C SER B 75 -18.50 7.71 25.56
N ASN B 76 -19.61 8.15 26.14
CA ASN B 76 -19.60 8.99 27.34
C ASN B 76 -20.07 8.23 28.57
N ASP B 77 -20.26 6.92 28.48
CA ASP B 77 -20.74 6.11 29.58
C ASP B 77 -19.63 5.19 30.09
N ASP B 78 -19.79 4.75 31.34
CA ASP B 78 -18.95 3.70 31.90
C ASP B 78 -17.47 4.05 31.74
N PHE B 79 -17.09 5.25 32.19
CA PHE B 79 -15.71 5.72 32.12
C PHE B 79 -15.19 5.81 30.70
N HIS B 80 -16.07 6.19 29.77
CA HIS B 80 -15.74 6.31 28.35
C HIS B 80 -15.28 4.98 27.76
N CYS B 81 -15.98 3.91 28.13
CA CYS B 81 -15.71 2.59 27.62
C CYS B 81 -16.88 2.11 26.77
N TRP B 82 -16.60 1.13 25.90
CA TRP B 82 -17.61 0.54 25.06
C TRP B 82 -18.31 -0.60 25.78
N ASP B 83 -19.63 -0.65 25.64
CA ASP B 83 -20.45 -1.68 26.28
C ASP B 83 -20.22 -3.03 25.57
N VAL B 84 -19.54 -3.94 26.24
CA VAL B 84 -19.29 -5.28 25.70
C VAL B 84 -19.79 -6.31 26.70
N ALA B 85 -20.77 -5.92 27.52
CA ALA B 85 -21.26 -6.75 28.61
C ALA B 85 -22.76 -7.01 28.57
N THR B 86 -23.58 -6.06 28.12
CA THR B 86 -25.03 -6.24 28.18
C THR B 86 -25.51 -7.13 27.04
N ALA B 87 -26.63 -7.82 27.31
CA ALA B 87 -27.25 -8.62 26.26
C ALA B 87 -27.55 -7.75 25.04
N GLU B 88 -27.98 -6.51 25.29
CA GLU B 88 -28.30 -5.61 24.19
C GLU B 88 -27.08 -5.37 23.30
N SER B 89 -25.97 -4.93 23.87
CA SER B 89 -24.82 -4.59 23.03
C SER B 89 -24.21 -5.83 22.38
N LEU B 90 -24.27 -6.98 23.07
CA LEU B 90 -23.61 -8.18 22.57
C LEU B 90 -24.39 -8.88 21.46
N THR B 91 -25.66 -8.53 21.23
CA THR B 91 -26.54 -9.31 20.37
C THR B 91 -26.91 -8.51 19.13
N HIS B 92 -27.01 -9.22 18.01
CA HIS B 92 -27.51 -8.65 16.77
C HIS B 92 -28.87 -7.99 17.01
N ASP B 93 -28.96 -6.71 16.62
CA ASP B 93 -30.17 -5.90 16.77
C ASP B 93 -30.56 -5.67 18.23
N GLY B 94 -29.66 -5.92 19.18
CA GLY B 94 -30.00 -5.81 20.58
C GLY B 94 -30.14 -4.38 21.09
N GLY B 95 -29.22 -3.51 20.71
CA GLY B 95 -29.27 -2.13 21.15
C GLY B 95 -27.94 -1.64 21.66
N SER B 96 -27.98 -0.67 22.56
CA SER B 96 -26.79 -0.10 23.21
C SER B 96 -25.77 0.37 22.19
N ASP B 97 -24.48 0.34 22.57
CA ASP B 97 -23.43 0.97 21.78
C ASP B 97 -23.30 0.33 20.41
N SER B 98 -23.36 -1.00 20.34
CA SER B 98 -23.11 -1.66 19.06
C SER B 98 -24.16 -1.26 18.03
N ARG B 99 -25.44 -1.21 18.44
CA ARG B 99 -26.47 -0.80 17.48
C ARG B 99 -26.33 0.67 17.10
N SER B 100 -25.96 1.53 18.06
CA SER B 100 -25.68 2.93 17.73
C SER B 100 -24.60 3.03 16.66
N ILE B 101 -23.51 2.27 16.82
CA ILE B 101 -22.43 2.32 15.85
C ILE B 101 -22.92 1.86 14.48
N VAL B 102 -23.71 0.79 14.45
CA VAL B 102 -24.30 0.34 13.19
C VAL B 102 -25.16 1.43 12.56
N ASN B 103 -25.90 2.18 13.38
CA ASN B 103 -26.73 3.26 12.85
C ASN B 103 -25.88 4.41 12.32
N MET B 104 -24.74 4.70 12.95
CA MET B 104 -23.80 5.66 12.37
C MET B 104 -23.30 5.19 11.02
N VAL B 105 -22.98 3.89 10.90
CA VAL B 105 -22.57 3.35 9.61
C VAL B 105 -23.66 3.55 8.57
N GLN B 106 -24.89 3.18 8.93
CA GLN B 106 -26.00 3.27 7.98
C GLN B 106 -26.23 4.72 7.55
N TYR B 107 -26.15 5.64 8.50
CA TYR B 107 -26.26 7.06 8.17
C TYR B 107 -25.18 7.47 7.17
N THR B 108 -23.95 7.01 7.39
CA THR B 108 -22.85 7.40 6.53
C THR B 108 -23.01 6.81 5.14
N LEU B 109 -23.38 5.54 5.05
CA LEU B 109 -23.61 4.92 3.74
C LEU B 109 -24.71 5.65 2.98
N ASP B 110 -25.82 5.96 3.67
CA ASP B 110 -26.96 6.56 2.98
C ASP B 110 -26.63 7.98 2.56
N LYS B 111 -25.96 8.74 3.42
CA LYS B 111 -25.73 10.15 3.11
C LYS B 111 -24.69 10.31 2.00
N TYR B 112 -23.62 9.53 2.05
CA TYR B 112 -22.48 9.71 1.17
C TYR B 112 -22.44 8.68 0.04
N SER B 113 -23.52 7.95 -0.19
CA SER B 113 -23.58 6.93 -1.24
C SER B 113 -22.41 5.96 -1.11
N GLY B 114 -22.13 5.55 0.13
CA GLY B 114 -21.02 4.68 0.42
C GLY B 114 -21.26 3.27 -0.07
N ASP B 115 -20.17 2.51 -0.10
CA ASP B 115 -20.17 1.11 -0.53
C ASP B 115 -20.44 0.24 0.70
N SER B 116 -21.67 -0.28 0.80
CA SER B 116 -22.03 -1.07 1.97
C SER B 116 -21.22 -2.35 2.10
N SER B 117 -20.55 -2.79 1.02
CA SER B 117 -19.69 -3.96 1.08
C SER B 117 -18.28 -3.64 1.59
N LYS B 118 -18.00 -2.37 1.87
CA LYS B 118 -16.67 -1.94 2.28
CA LYS B 118 -16.67 -1.94 2.28
C LYS B 118 -16.77 -1.11 3.56
N VAL B 119 -17.36 -1.70 4.59
CA VAL B 119 -17.42 -1.10 5.92
C VAL B 119 -16.52 -1.93 6.84
N PHE B 120 -15.61 -1.26 7.55
CA PHE B 120 -14.64 -1.92 8.39
C PHE B 120 -14.62 -1.25 9.75
N THR B 121 -14.02 -1.92 10.72
CA THR B 121 -13.84 -1.33 12.04
CA THR B 121 -13.87 -1.38 12.07
C THR B 121 -12.47 -1.66 12.58
N THR B 122 -11.89 -0.70 13.30
CA THR B 122 -10.64 -0.91 14.00
C THR B 122 -10.74 -0.20 15.34
N GLY B 123 -10.04 -0.73 16.34
CA GLY B 123 -10.07 -0.08 17.65
C GLY B 123 -8.98 -0.62 18.53
N SER B 124 -8.77 0.09 19.64
CA SER B 124 -7.73 -0.24 20.60
C SER B 124 -8.34 -0.50 21.97
N SER B 125 -7.87 -1.56 22.62
CA SER B 125 -8.34 -1.96 23.94
CA SER B 125 -8.35 -1.99 23.94
C SER B 125 -9.87 -2.05 23.98
N SER B 126 -10.55 -1.18 24.73
CA SER B 126 -12.01 -1.23 24.73
C SER B 126 -12.59 -1.17 23.32
N GLY B 127 -12.02 -0.32 22.46
CA GLY B 127 -12.45 -0.27 21.07
C GLY B 127 -12.15 -1.53 20.30
N ALA B 128 -11.04 -2.21 20.62
CA ALA B 128 -10.78 -3.53 20.05
C ALA B 128 -11.82 -4.54 20.51
N MET B 129 -12.21 -4.49 21.79
CA MET B 129 -13.25 -5.38 22.27
CA MET B 129 -13.26 -5.37 22.27
C MET B 129 -14.55 -5.14 21.51
N MET B 130 -14.91 -3.88 21.28
CA MET B 130 -16.11 -3.58 20.51
C MET B 130 -15.97 -4.00 19.06
N SER B 131 -14.77 -3.91 18.48
CA SER B 131 -14.59 -4.37 17.10
CA SER B 131 -14.59 -4.37 17.10
C SER B 131 -14.95 -5.84 16.95
N LEU B 132 -14.62 -6.66 17.97
CA LEU B 132 -15.00 -8.07 17.90
C LEU B 132 -16.49 -8.28 18.16
N VAL B 133 -17.11 -7.44 18.99
CA VAL B 133 -18.56 -7.45 19.12
C VAL B 133 -19.22 -7.16 17.78
N LEU B 134 -18.74 -6.13 17.07
CA LEU B 134 -19.32 -5.81 15.77
C LEU B 134 -19.12 -6.94 14.78
N ALA B 135 -17.98 -7.62 14.85
CA ALA B 135 -17.74 -8.77 13.96
C ALA B 135 -18.70 -9.93 14.26
N ALA B 136 -18.92 -10.22 15.54
CA ALA B 136 -19.76 -11.36 15.90
C ALA B 136 -21.24 -11.05 15.75
N ALA B 137 -21.65 -9.84 16.14
CA ALA B 137 -23.07 -9.49 16.18
C ALA B 137 -23.55 -8.89 14.86
N TYR B 138 -22.67 -8.27 14.09
CA TYR B 138 -23.06 -7.63 12.83
C TYR B 138 -22.18 -8.07 11.65
N PRO B 139 -22.06 -9.38 11.42
CA PRO B 139 -21.31 -9.83 10.24
C PRO B 139 -22.00 -9.48 8.92
N ASP B 140 -23.26 -9.06 8.98
CA ASP B 140 -23.98 -8.56 7.81
C ASP B 140 -23.64 -7.10 7.49
N VAL B 141 -22.89 -6.42 8.35
CA VAL B 141 -22.56 -5.02 8.19
C VAL B 141 -21.08 -4.81 7.87
N PHE B 142 -20.21 -5.51 8.58
CA PHE B 142 -18.77 -5.27 8.52
C PHE B 142 -18.09 -6.33 7.67
N SER B 143 -17.19 -5.87 6.79
CA SER B 143 -16.41 -6.73 5.91
CA SER B 143 -16.43 -6.78 5.95
C SER B 143 -15.10 -7.18 6.55
N GLY B 144 -14.58 -6.40 7.49
CA GLY B 144 -13.31 -6.74 8.12
C GLY B 144 -13.14 -5.92 9.37
N VAL B 145 -12.40 -6.46 10.32
CA VAL B 145 -12.13 -5.79 11.59
C VAL B 145 -10.67 -5.97 11.97
N ALA B 146 -10.14 -4.99 12.70
CA ALA B 146 -8.78 -5.04 13.22
C ALA B 146 -8.83 -4.63 14.68
N ALA B 147 -8.48 -5.56 15.57
CA ALA B 147 -8.62 -5.38 17.00
C ALA B 147 -7.23 -5.32 17.61
N TYR B 148 -6.86 -4.16 18.17
CA TYR B 148 -5.56 -3.95 18.78
C TYR B 148 -5.69 -4.03 20.30
N SER B 149 -5.16 -5.12 20.87
CA SER B 149 -5.02 -5.30 22.31
C SER B 149 -6.37 -5.41 23.01
N GLY B 150 -7.18 -6.37 22.57
CA GLY B 150 -8.52 -6.54 23.10
C GLY B 150 -8.73 -7.85 23.85
N VAL B 151 -9.99 -8.28 23.90
CA VAL B 151 -10.46 -9.42 24.69
C VAL B 151 -11.40 -10.20 23.78
N PRO B 152 -11.45 -11.53 23.86
CA PRO B 152 -12.36 -12.30 23.00
C PRO B 152 -13.82 -11.88 23.17
N TYR B 153 -14.57 -11.98 22.08
CA TYR B 153 -16.00 -11.68 22.12
C TYR B 153 -16.71 -12.53 23.17
N GLY B 154 -17.53 -11.88 24.00
CA GLY B 154 -18.35 -12.56 24.98
C GLY B 154 -17.70 -12.79 26.32
N CYS B 155 -16.42 -12.49 26.45
CA CYS B 155 -15.74 -12.72 27.73
C CYS B 155 -16.45 -11.98 28.86
N LEU B 156 -16.94 -10.78 28.59
CA LEU B 156 -17.57 -9.95 29.62
C LEU B 156 -19.09 -10.07 29.62
N ARG B 157 -19.65 -11.09 28.96
CA ARG B 157 -21.09 -11.29 29.02
C ARG B 157 -21.54 -11.40 30.47
N GLY B 158 -22.53 -10.59 30.84
CA GLY B 158 -23.06 -10.62 32.19
C GLY B 158 -22.26 -9.84 33.21
N SER B 159 -21.15 -9.24 32.81
CA SER B 159 -20.36 -8.43 33.72
C SER B 159 -21.13 -7.17 34.10
N PRO B 160 -20.95 -6.68 35.33
CA PRO B 160 -21.65 -5.45 35.75
C PRO B 160 -21.11 -4.18 35.11
N GLY B 161 -20.14 -4.29 34.23
CA GLY B 161 -19.61 -3.13 33.52
C GLY B 161 -18.57 -3.58 32.52
N SER B 162 -18.01 -2.59 31.82
CA SER B 162 -17.03 -2.85 30.78
C SER B 162 -15.75 -2.02 30.97
N SER B 163 -15.54 -1.47 32.17
CA SER B 163 -14.42 -0.58 32.41
C SER B 163 -13.47 -1.15 33.46
N PRO B 164 -12.26 -0.58 33.61
CA PRO B 164 -11.38 -1.03 34.69
C PRO B 164 -11.96 -0.86 36.08
N PHE B 165 -13.02 -0.07 36.23
CA PHE B 165 -13.60 0.25 37.52
C PHE B 165 -14.96 -0.38 37.74
N THR B 166 -15.53 -1.03 36.72
CA THR B 166 -16.87 -1.57 36.81
C THR B 166 -16.99 -3.00 36.31
N ALA B 167 -16.08 -3.48 35.48
CA ALA B 167 -16.21 -4.84 34.98
C ALA B 167 -15.71 -5.85 36.00
N ASP B 168 -16.16 -7.08 35.83
CA ASP B 168 -15.45 -8.22 36.41
CA ASP B 168 -15.44 -8.20 36.42
C ASP B 168 -14.05 -8.24 35.80
N GLN B 169 -13.02 -8.20 36.63
CA GLN B 169 -11.67 -8.03 36.11
C GLN B 169 -11.03 -9.33 35.63
N ALA B 170 -11.73 -10.46 35.73
CA ALA B 170 -11.12 -11.73 35.32
C ALA B 170 -10.62 -11.70 33.88
N CYS B 171 -11.42 -11.12 32.97
CA CYS B 171 -11.03 -11.09 31.57
C CYS B 171 -9.75 -10.28 31.36
N ALA B 172 -9.76 -9.02 31.81
CA ALA B 172 -8.57 -8.19 31.63
C ALA B 172 -7.35 -8.77 32.33
N ASN B 173 -7.56 -9.49 33.45
CA ASN B 173 -6.46 -10.09 34.19
C ASN B 173 -5.91 -11.34 33.54
N GLY B 174 -6.52 -11.83 32.46
CA GLY B 174 -6.06 -13.04 31.82
C GLY B 174 -6.45 -14.30 32.53
N GLU B 175 -7.47 -14.24 33.38
CA GLU B 175 -7.88 -15.36 34.20
C GLU B 175 -8.94 -16.22 33.54
N VAL B 176 -9.49 -15.80 32.41
CA VAL B 176 -10.55 -16.56 31.74
C VAL B 176 -9.92 -17.40 30.63
N SER B 177 -10.16 -18.69 30.69
CA SER B 177 -9.74 -19.60 29.63
C SER B 177 -10.93 -20.45 29.24
N ARG B 178 -11.19 -20.52 27.94
CA ARG B 178 -12.24 -21.38 27.42
C ARG B 178 -11.69 -22.13 26.22
N THR B 179 -12.34 -23.24 25.89
CA THR B 179 -11.92 -23.97 24.72
C THR B 179 -12.31 -23.20 23.45
N ALA B 180 -11.64 -23.54 22.35
CA ALA B 180 -12.00 -22.94 21.08
C ALA B 180 -13.48 -23.15 20.76
N GLN B 181 -13.99 -24.35 21.01
CA GLN B 181 -15.41 -24.60 20.76
C GLN B 181 -16.29 -23.72 21.63
N GLU B 182 -15.90 -23.50 22.90
CA GLU B 182 -16.68 -22.64 23.77
C GLU B 182 -16.69 -21.21 23.26
N TRP B 183 -15.53 -20.72 22.81
CA TRP B 183 -15.47 -19.36 22.27
C TRP B 183 -16.24 -19.23 20.96
N LYS B 184 -16.25 -20.28 20.14
CA LYS B 184 -17.07 -20.25 18.93
C LYS B 184 -18.54 -20.19 19.30
N ASP B 185 -18.95 -20.93 20.33
CA ASP B 185 -20.34 -20.88 20.77
C ASP B 185 -20.70 -19.49 21.27
N GLU B 186 -19.77 -18.77 21.90
CA GLU B 186 -20.04 -17.38 22.25
C GLU B 186 -20.36 -16.56 21.00
N VAL B 187 -19.53 -16.66 19.97
CA VAL B 187 -19.79 -15.93 18.72
C VAL B 187 -21.15 -16.29 18.16
N LYS B 188 -21.51 -17.57 18.17
CA LYS B 188 -22.82 -17.96 17.65
C LYS B 188 -23.95 -17.32 18.46
N MET B 189 -23.73 -17.13 19.77
CA MET B 189 -24.74 -16.50 20.61
C MET B 189 -24.94 -15.02 20.30
N ALA B 190 -24.02 -14.39 19.57
CA ALA B 190 -24.22 -13.00 19.19
C ALA B 190 -25.38 -12.87 18.22
N TRP B 191 -25.66 -13.90 17.44
CA TRP B 191 -26.74 -13.87 16.46
C TRP B 191 -27.25 -15.29 16.32
N PRO B 192 -28.07 -15.74 17.27
CA PRO B 192 -28.48 -17.15 17.27
C PRO B 192 -29.18 -17.52 15.97
N GLY B 193 -28.73 -18.62 15.37
CA GLY B 193 -29.27 -19.07 14.11
C GLY B 193 -28.65 -18.46 12.88
N TYR B 194 -27.72 -17.51 13.02
CA TYR B 194 -27.07 -16.93 11.85
C TYR B 194 -26.34 -18.01 11.07
N ASN B 195 -26.58 -18.04 9.75
CA ASN B 195 -26.10 -19.10 8.89
C ASN B 195 -24.86 -18.71 8.07
N GLY B 196 -24.44 -17.46 8.12
CA GLY B 196 -23.55 -16.92 7.11
C GLY B 196 -22.09 -16.86 7.52
N THR B 197 -21.33 -16.08 6.77
CA THR B 197 -19.91 -15.88 6.96
C THR B 197 -19.65 -14.73 7.93
N TYR B 198 -18.42 -14.66 8.42
CA TYR B 198 -17.98 -13.60 9.31
C TYR B 198 -16.92 -12.73 8.63
N PRO B 199 -16.74 -11.48 9.08
CA PRO B 199 -15.75 -10.60 8.45
C PRO B 199 -14.33 -11.09 8.72
N LYS B 200 -13.41 -10.66 7.86
CA LYS B 200 -11.99 -10.91 8.08
C LYS B 200 -11.58 -10.30 9.42
N VAL B 201 -10.92 -11.09 10.27
CA VAL B 201 -10.55 -10.63 11.61
C VAL B 201 -9.03 -10.59 11.73
N GLN B 202 -8.51 -9.44 12.16
CA GLN B 202 -7.09 -9.24 12.39
C GLN B 202 -6.94 -8.83 13.86
N VAL B 203 -6.13 -9.58 14.61
CA VAL B 203 -5.92 -9.25 16.03
C VAL B 203 -4.44 -9.01 16.29
N TRP B 204 -4.17 -8.12 17.26
CA TRP B 204 -2.82 -7.76 17.68
C TRP B 204 -2.78 -7.71 19.19
N HIS B 205 -1.64 -8.11 19.77
CA HIS B 205 -1.44 -7.94 21.20
C HIS B 205 0.05 -7.83 21.49
N GLY B 206 0.38 -7.14 22.58
CA GLY B 206 1.77 -7.02 23.02
C GLY B 206 2.03 -7.92 24.22
N THR B 207 3.23 -8.53 24.24
CA THR B 207 3.56 -9.47 25.31
C THR B 207 3.71 -8.81 26.67
N ALA B 208 3.87 -7.48 26.72
CA ALA B 208 4.14 -6.76 27.96
C ALA B 208 2.95 -5.95 28.44
N ASP B 209 1.74 -6.24 27.92
CA ASP B 209 0.55 -5.44 28.22
C ASP B 209 0.13 -5.68 29.66
N SER B 210 0.21 -4.64 30.50
CA SER B 210 -0.17 -4.73 31.90
C SER B 210 -1.62 -4.38 32.16
N VAL B 211 -2.35 -3.93 31.13
CA VAL B 211 -3.75 -3.55 31.28
C VAL B 211 -4.67 -4.70 30.86
N ILE B 212 -4.48 -5.21 29.65
CA ILE B 212 -5.20 -6.35 29.14
CA ILE B 212 -5.20 -6.35 29.14
C ILE B 212 -4.19 -7.48 28.96
N SER B 213 -4.30 -8.51 29.79
CA SER B 213 -3.34 -9.61 29.78
C SER B 213 -3.16 -10.18 28.38
N PRO B 214 -1.92 -10.47 27.96
CA PRO B 214 -1.71 -11.15 26.68
C PRO B 214 -2.33 -12.53 26.62
N ASN B 215 -2.74 -13.13 27.75
CA ASN B 215 -3.52 -14.36 27.69
C ASN B 215 -4.74 -14.19 26.80
N ASN B 216 -5.29 -12.97 26.72
CA ASN B 216 -6.44 -12.71 25.86
C ASN B 216 -6.12 -12.93 24.39
N PHE B 217 -4.85 -12.76 23.99
CA PHE B 217 -4.45 -13.09 22.62
C PHE B 217 -4.69 -14.57 22.32
N ASP B 218 -4.30 -15.45 23.25
CA ASP B 218 -4.52 -16.86 23.03
C ASP B 218 -6.00 -17.18 22.93
N GLU B 219 -6.82 -16.54 23.77
CA GLU B 219 -8.25 -16.80 23.74
C GLU B 219 -8.87 -16.30 22.44
N GLU B 220 -8.44 -15.13 21.96
CA GLU B 220 -8.94 -14.63 20.68
C GLU B 220 -8.56 -15.55 19.55
N VAL B 221 -7.33 -16.09 19.57
CA VAL B 221 -6.90 -17.01 18.53
C VAL B 221 -7.77 -18.27 18.54
N LYS B 222 -8.02 -18.83 19.72
CA LYS B 222 -8.92 -19.97 19.80
C LYS B 222 -10.29 -19.63 19.24
N GLN B 223 -10.81 -18.45 19.58
CA GLN B 223 -12.16 -18.09 19.17
C GLN B 223 -12.30 -18.02 17.65
N TRP B 224 -11.43 -17.26 16.99
CA TRP B 224 -11.63 -17.00 15.58
C TRP B 224 -11.11 -18.11 14.70
N SER B 225 -10.08 -18.84 15.13
CA SER B 225 -9.70 -20.04 14.39
C SER B 225 -10.86 -21.05 14.39
N ALA B 226 -11.59 -21.15 15.50
CA ALA B 226 -12.75 -22.05 15.54
C ALA B 226 -13.90 -21.54 14.69
N VAL B 227 -14.19 -20.23 14.74
CA VAL B 227 -15.26 -19.67 13.92
C VAL B 227 -15.03 -20.00 12.45
N PHE B 228 -13.80 -19.83 11.98
CA PHE B 228 -13.48 -20.04 10.56
C PHE B 228 -13.07 -21.46 10.25
N GLY B 229 -12.85 -22.29 11.26
CA GLY B 229 -12.46 -23.67 11.00
C GLY B 229 -11.08 -23.78 10.39
N VAL B 230 -10.12 -23.00 10.89
CA VAL B 230 -8.79 -22.93 10.31
C VAL B 230 -7.75 -23.26 11.36
N ASN B 231 -6.61 -23.76 10.89
CA ASN B 231 -5.43 -24.00 11.70
C ASN B 231 -4.36 -22.96 11.34
N VAL B 232 -3.42 -22.76 12.25
CA VAL B 232 -2.26 -21.97 11.89
C VAL B 232 -1.48 -22.70 10.82
N THR B 233 -1.16 -22.01 9.73
CA THR B 233 -0.42 -22.63 8.63
C THR B 233 0.96 -22.04 8.40
N LYS B 234 1.25 -20.84 8.92
CA LYS B 234 2.52 -20.20 8.67
C LYS B 234 2.72 -19.09 9.69
N GLU B 235 3.97 -18.90 10.10
CA GLU B 235 4.33 -17.81 10.99
C GLU B 235 5.46 -17.01 10.36
N GLU B 236 5.32 -15.68 10.36
CA GLU B 236 6.35 -14.79 9.86
C GLU B 236 6.93 -14.01 11.03
N GLN B 237 8.25 -13.98 11.13
CA GLN B 237 8.91 -13.20 12.16
C GLN B 237 9.15 -11.77 11.68
N ASP B 238 9.21 -10.85 12.64
CA ASP B 238 9.52 -9.44 12.37
C ASP B 238 8.61 -8.86 11.29
N SER B 239 7.32 -9.14 11.44
CA SER B 239 6.32 -8.84 10.42
C SER B 239 5.10 -8.24 11.12
N PRO B 240 4.82 -6.93 10.96
CA PRO B 240 5.47 -5.99 10.02
C PRO B 240 6.68 -5.27 10.60
N LEU B 241 6.91 -5.42 11.91
CA LEU B 241 8.00 -4.74 12.59
C LEU B 241 8.79 -5.77 13.38
N ASP B 242 10.04 -5.42 13.71
CA ASP B 242 10.87 -6.30 14.51
C ASP B 242 10.16 -6.67 15.82
N GLY B 243 10.18 -7.96 16.14
CA GLY B 243 9.52 -8.46 17.32
C GLY B 243 8.06 -8.81 17.15
N TYR B 244 7.45 -8.45 16.02
CA TYR B 244 6.06 -8.81 15.74
C TYR B 244 6.05 -10.16 15.05
N THR B 245 5.40 -11.15 15.66
CA THR B 245 5.23 -12.45 15.06
C THR B 245 3.82 -12.54 14.47
N ARG B 246 3.75 -12.80 13.17
CA ARG B 246 2.49 -12.85 12.44
C ARG B 246 2.10 -14.30 12.25
N SER B 247 0.93 -14.66 12.75
CA SER B 247 0.37 -16.00 12.57
C SER B 247 -0.65 -15.95 11.46
N ILE B 248 -0.46 -16.79 10.44
CA ILE B 248 -1.35 -16.87 9.30
C ILE B 248 -2.12 -18.17 9.41
N PHE B 249 -3.44 -18.11 9.22
CA PHE B 249 -4.32 -19.26 9.41
C PHE B 249 -4.96 -19.64 8.08
N GLY B 250 -5.07 -20.95 7.86
CA GLY B 250 -5.67 -21.42 6.63
C GLY B 250 -4.96 -20.83 5.43
N ASP B 251 -5.72 -20.36 4.45
CA ASP B 251 -5.14 -19.71 3.30
C ASP B 251 -4.96 -18.21 3.48
N GLY B 252 -5.09 -17.72 4.71
CA GLY B 252 -4.89 -16.31 4.99
C GLY B 252 -6.06 -15.39 4.70
N SER B 253 -7.20 -15.91 4.26
CA SER B 253 -8.29 -15.05 3.81
C SER B 253 -9.26 -14.64 4.92
N HIS B 254 -9.15 -15.22 6.11
CA HIS B 254 -10.15 -14.98 7.15
C HIS B 254 -9.60 -14.44 8.45
N PHE B 255 -8.47 -14.94 8.92
CA PHE B 255 -8.01 -14.61 10.26
C PHE B 255 -6.50 -14.54 10.27
N GLU B 256 -5.96 -13.48 10.88
CA GLU B 256 -4.53 -13.41 11.13
C GLU B 256 -4.30 -12.71 12.46
N ALA B 257 -3.16 -12.99 13.08
CA ALA B 257 -2.88 -12.53 14.43
C ALA B 257 -1.41 -12.13 14.57
N TYR B 258 -1.18 -11.08 15.35
CA TYR B 258 0.16 -10.55 15.56
C TYR B 258 0.45 -10.43 17.05
N LEU B 259 1.56 -11.01 17.48
CA LEU B 259 2.01 -10.90 18.86
C LEU B 259 3.31 -10.10 18.87
N ALA B 260 3.31 -8.97 19.58
CA ALA B 260 4.42 -8.02 19.53
C ALA B 260 5.26 -8.14 20.81
N GLU B 261 6.46 -8.70 20.66
CA GLU B 261 7.37 -8.88 21.78
C GLU B 261 7.79 -7.54 22.37
N GLY B 262 7.61 -7.39 23.68
CA GLY B 262 8.06 -6.22 24.40
C GLY B 262 7.13 -5.02 24.33
N VAL B 263 6.02 -5.12 23.61
CA VAL B 263 5.07 -4.03 23.47
C VAL B 263 3.99 -4.19 24.54
N GLY B 264 3.57 -3.08 25.12
CA GLY B 264 2.54 -3.13 26.14
C GLY B 264 1.20 -2.64 25.67
N HIS B 265 0.46 -1.99 26.56
CA HIS B 265 -0.82 -1.38 26.26
C HIS B 265 -0.56 -0.04 25.57
N VAL B 266 -0.95 0.12 24.30
CA VAL B 266 -1.50 -0.89 23.40
C VAL B 266 -0.52 -1.09 22.26
N VAL B 267 -0.78 -2.09 21.42
CA VAL B 267 -0.03 -2.18 20.16
C VAL B 267 -0.41 -0.99 19.30
N PRO B 268 0.55 -0.20 18.83
CA PRO B 268 0.21 0.94 17.98
C PRO B 268 -0.38 0.45 16.67
N THR B 269 -1.37 1.19 16.18
CA THR B 269 -2.02 0.79 14.94
C THR B 269 -1.03 0.82 13.78
N GLN B 270 -1.04 -0.26 13.00
CA GLN B 270 -0.22 -0.38 11.80
C GLN B 270 -1.17 -0.17 10.62
N VAL B 271 -1.29 1.09 10.20
CA VAL B 271 -2.33 1.45 9.25
C VAL B 271 -2.18 0.69 7.94
N ASP B 272 -0.95 0.55 7.44
CA ASP B 272 -0.77 -0.17 6.18
C ASP B 272 -1.19 -1.63 6.29
N SER B 273 -0.77 -2.31 7.37
CA SER B 273 -1.16 -3.71 7.57
C SER B 273 -2.67 -3.84 7.66
N THR B 274 -3.32 -2.91 8.35
CA THR B 274 -4.76 -3.00 8.53
C THR B 274 -5.51 -2.65 7.24
N LEU B 275 -5.05 -1.62 6.51
CA LEU B 275 -5.73 -1.29 5.26
C LEU B 275 -5.53 -2.37 4.21
N ARG B 276 -4.36 -3.03 4.20
N ARG B 276 -4.36 -3.03 4.20
CA ARG B 276 -4.16 -4.15 3.30
CA ARG B 276 -4.16 -4.15 3.29
C ARG B 276 -5.10 -5.30 3.64
C ARG B 276 -5.10 -5.30 3.64
N TRP B 277 -5.27 -5.57 4.94
CA TRP B 277 -6.21 -6.59 5.38
C TRP B 277 -7.62 -6.27 4.92
N PHE B 278 -8.00 -4.99 4.96
CA PHE B 278 -9.31 -4.57 4.50
C PHE B 278 -9.41 -4.55 2.97
N GLY B 279 -8.32 -4.78 2.25
CA GLY B 279 -8.35 -4.74 0.80
C GLY B 279 -8.43 -3.36 0.20
N LEU B 280 -8.18 -2.33 1.00
CA LEU B 280 -8.27 -0.95 0.51
C LEU B 280 -6.98 -0.47 -0.15
N ILE B 281 -5.86 -1.10 0.16
CA ILE B 281 -4.58 -0.85 -0.51
C ILE B 281 -3.91 -2.21 -0.72
C1 NAG C . 2.77 19.66 0.99
C2 NAG C . 1.88 18.50 1.45
C3 NAG C . 0.47 19.02 1.73
C4 NAG C . 0.50 20.21 2.68
C5 NAG C . 1.46 21.28 2.15
C6 NAG C . 1.65 22.44 3.12
C7 NAG C . 1.93 16.14 0.78
C8 NAG C . 1.89 15.18 -0.38
N2 NAG C . 1.85 17.44 0.46
O3 NAG C . -0.29 17.97 2.32
O4 NAG C . -0.80 20.78 2.81
O5 NAG C . 2.76 20.71 1.95
O6 NAG C . 0.48 22.66 3.89
O7 NAG C . 2.03 15.75 1.94
C1 NAG D . 20.84 27.92 -17.41
C2 NAG D . 21.15 28.83 -16.21
C3 NAG D . 20.32 30.09 -16.28
C4 NAG D . 20.50 30.78 -17.63
C5 NAG D . 20.17 29.80 -18.75
C6 NAG D . 20.37 30.38 -20.12
C7 NAG D . 21.90 27.58 -14.23
C8 NAG D . 21.48 26.89 -12.97
N2 NAG D . 20.91 28.13 -14.95
O3 NAG D . 20.71 30.98 -15.23
O4 NAG D . 19.65 31.91 -17.73
O5 NAG D . 21.02 28.65 -18.64
O6 NAG D . 21.51 29.83 -20.77
O7 NAG D . 23.07 27.63 -14.59
C4 FER E . 3.97 3.61 -29.45
C5 FER E . 3.88 3.38 -28.08
C6 FER E . 4.77 2.52 -27.47
C3 FER E . 4.96 2.98 -30.19
C2 FER E . 5.86 2.12 -29.57
C1 FER E . 5.77 1.89 -28.20
C10 FER E . 5.95 2.65 -32.35
C7 FER E . 6.70 0.97 -27.54
C8 FER E . 7.57 0.15 -28.12
C9 FER E . 8.39 -0.77 -27.33
O1 FER E . 9.22 -1.52 -27.98
O2 FER E . 8.26 -0.83 -26.10
O4 FER E . 3.09 4.44 -30.07
O3 FER E . 4.95 3.26 -31.53
C ACT F . 21.59 7.27 -4.82
O ACT F . 22.78 7.63 -5.04
OXT ACT F . 20.92 7.36 -3.76
CH3 ACT F . 20.83 6.62 -6.01
C ACT G . 21.68 18.17 -24.58
O ACT G . 21.10 17.87 -25.66
OXT ACT G . 22.49 17.49 -23.91
CH3 ACT G . 21.33 19.58 -24.02
C1 EDO H . 11.78 17.85 -31.14
O1 EDO H . 10.71 17.40 -30.30
C2 EDO H . 13.04 18.03 -30.31
O2 EDO H . 14.16 18.21 -31.18
C1 EDO I . 12.46 7.10 -0.60
O1 EDO I . 12.16 5.74 -0.24
C2 EDO I . 13.12 7.14 -1.97
O2 EDO I . 14.42 6.54 -1.90
C1 NAG J . -30.86 -19.79 8.96
C2 NAG J . -31.79 -18.58 9.10
C3 NAG J . -33.13 -19.00 9.70
C4 NAG J . -33.73 -20.15 8.92
C5 NAG J . -32.74 -21.30 8.81
C6 NAG J . -33.24 -22.45 7.97
C7 NAG J . -31.37 -16.25 9.71
C8 NAG J . -30.64 -15.31 10.64
N2 NAG J . -31.17 -17.55 9.91
O3 NAG J . -34.02 -17.89 9.70
O4 NAG J . -34.92 -20.61 9.56
O5 NAG J . -31.52 -20.83 8.21
O6 NAG J . -32.17 -23.19 7.40
O7 NAG J . -32.11 -15.82 8.83
C1 NAG K . -6.60 -28.69 11.04
C2 NAG K . -7.16 -29.21 9.70
C3 NAG K . -7.92 -30.51 9.90
C4 NAG K . -7.08 -31.53 10.66
C5 NAG K . -6.59 -30.91 11.96
C6 NAG K . -5.69 -31.84 12.75
C7 NAG K . -7.75 -27.62 7.92
C8 NAG K . -8.74 -26.62 7.44
N2 NAG K . -8.02 -28.21 9.09
O3 NAG K . -8.29 -31.05 8.64
O4 NAG K . -7.85 -32.68 10.96
O5 NAG K . -5.84 -29.73 11.68
O6 NAG K . -4.36 -31.35 12.81
O7 NAG K . -6.74 -27.89 7.28
C4 FER L . -11.25 -3.93 32.19
C5 FER L . -12.14 -3.68 31.14
C6 FER L . -11.76 -2.86 30.09
C3 FER L . -9.97 -3.35 32.14
C2 FER L . -9.60 -2.54 31.10
C1 FER L . -10.49 -2.29 30.05
C10 FER L . -7.86 -3.10 33.24
C7 FER L . -10.11 -1.40 28.95
C8 FER L . -9.06 -0.59 28.94
C9 FER L . -8.79 0.32 27.81
O1 FER L . -7.69 1.01 27.86
O2 FER L . -9.62 0.42 26.90
O4 FER L . -11.62 -4.73 33.22
O3 FER L . -9.18 -3.66 33.21
C ACT M . -4.14 13.50 12.58
O ACT M . -3.67 12.85 11.60
OXT ACT M . -4.53 13.07 13.71
CH3 ACT M . -4.25 15.05 12.40
C ACT N . -12.11 -7.87 1.93
O ACT N . -12.60 -7.16 2.85
OXT ACT N . -12.61 -8.86 1.34
CH3 ACT N . -10.69 -7.47 1.44
C ACT O . -0.54 -19.05 17.14
O ACT O . 0.42 -19.06 16.32
OXT ACT O . -1.65 -19.63 17.04
CH3 ACT O . -0.33 -18.21 18.46
C1 EDO P . -13.34 2.01 -2.15
O1 EDO P . -13.60 1.58 -3.50
C2 EDO P . -13.74 3.47 -2.02
O2 EDO P . -13.24 4.03 -0.81
C1 EDO Q . -1.90 4.47 18.03
O1 EDO Q . -1.62 3.79 16.81
C2 EDO Q . -3.21 3.92 18.59
O2 EDO Q . -2.95 3.26 19.82
C1 EDO R . -9.63 9.28 -5.82
O1 EDO R . -10.94 9.72 -6.21
C2 EDO R . -9.70 8.76 -4.38
O2 EDO R . -8.38 8.64 -3.86
C1 EDO S . -4.73 -18.42 29.00
O1 EDO S . -6.05 -17.85 28.91
C2 EDO S . -4.15 -18.56 27.59
O2 EDO S . -2.74 -18.84 27.69
#